data_8XJQ
#
_entry.id   8XJQ
#
_cell.length_a   78.045
_cell.length_b   78.045
_cell.length_c   140.124
_cell.angle_alpha   90.00
_cell.angle_beta   90.00
_cell.angle_gamma   90.00
#
_symmetry.space_group_name_H-M   'P 43 21 2'
#
loop_
_entity.id
_entity.type
_entity.pdbx_description
1 polymer Sulfotransferase
2 non-polymer P-NITROPHENOL
3 non-polymer "3'-PHOSPHATE-ADENOSINE-5'-PHOSPHATE SULFATE"
4 non-polymer '4-nitrophenyl sulfate'
5 water water
#
_entity_poly.entity_id   1
_entity_poly.type   'polypeptide(L)'
_entity_poly.pdbx_seq_one_letter_code
;MATVDRYLRQPWSVVHGIPMVCAFAPNWERVDNFQSRPEDIVVATFPKSGTTWVSEIVDMILQGGDPEKCKRDAIVNRVP
MLEFAAPGEMPTGSEVLATMPSPRVVKSHLPAHILPKSFWDNGCKIIYVGRNAKDVAVSFYHFDLMNKFEQHPGTWDQYL
EAFMAGKVAYGSWFDHVRGYWERRQEHPILYLFYEDMKEDLRREITKVAQFLGQELTEVALDAIAHHTSFEAMRDNPSTN
YSTVPSHLMDHGVSPFMRKGITGDWKNHFTVAQNAHFDQYYAQKMAGTDLRFRTEI
;
_entity_poly.pdbx_strand_id   A
#
# COMPACT_ATOMS: atom_id res chain seq x y z
N THR A 3 5.86 6.10 -25.24
CA THR A 3 4.51 6.69 -25.19
C THR A 3 4.09 7.06 -23.74
N VAL A 4 4.45 6.23 -22.77
CA VAL A 4 4.16 6.61 -21.38
C VAL A 4 5.08 7.74 -20.88
N ASP A 5 6.20 7.98 -21.55
CA ASP A 5 7.18 8.89 -20.97
C ASP A 5 6.62 10.25 -20.61
N ARG A 6 5.69 10.79 -21.39
CA ARG A 6 5.20 12.12 -21.10
C ARG A 6 4.43 12.22 -19.79
N TYR A 7 3.96 11.08 -19.25
CA TYR A 7 3.28 11.07 -17.97
C TYR A 7 4.24 10.94 -16.80
N LEU A 8 5.45 10.45 -17.03
CA LEU A 8 6.39 10.21 -15.95
C LEU A 8 6.98 11.51 -15.44
N ARG A 9 7.23 11.54 -14.11
CA ARG A 9 7.93 12.66 -13.48
C ARG A 9 7.19 13.97 -13.74
N GLN A 10 5.89 13.91 -13.81
CA GLN A 10 5.05 15.08 -13.90
C GLN A 10 4.41 15.35 -12.53
N PRO A 11 4.10 16.62 -12.24
CA PRO A 11 3.32 16.94 -11.03
C PRO A 11 2.02 16.14 -10.97
N TRP A 12 1.54 15.95 -9.74
CA TRP A 12 0.30 15.21 -9.50
C TRP A 12 -0.87 15.81 -10.28
N SER A 13 -1.75 14.93 -10.80
CA SER A 13 -3.07 15.37 -11.24
C SER A 13 -3.98 15.38 -10.00
N VAL A 14 -5.30 15.54 -10.19
CA VAL A 14 -6.20 15.46 -9.03
C VAL A 14 -7.45 14.71 -9.49
N VAL A 15 -7.95 13.80 -8.64
CA VAL A 15 -9.17 13.09 -8.98
C VAL A 15 -10.07 13.13 -7.75
N HIS A 16 -11.30 13.64 -7.91
CA HIS A 16 -12.22 13.83 -6.79
C HIS A 16 -11.53 14.51 -5.62
N GLY A 17 -10.72 15.55 -5.90
CA GLY A 17 -10.13 16.32 -4.84
C GLY A 17 -8.87 15.72 -4.21
N ILE A 18 -8.43 14.57 -4.69
CA ILE A 18 -7.28 13.85 -4.13
C ILE A 18 -6.12 13.92 -5.13
N PRO A 19 -4.92 14.32 -4.71
CA PRO A 19 -3.76 14.26 -5.63
C PRO A 19 -3.55 12.85 -6.14
N MET A 20 -3.25 12.74 -7.45
CA MET A 20 -3.14 11.44 -8.10
C MET A 20 -1.88 11.37 -8.96
N VAL A 21 -1.26 10.19 -8.97
CA VAL A 21 -0.17 9.91 -9.91
C VAL A 21 -0.59 10.32 -11.32
N CYS A 22 0.28 11.05 -12.03
CA CYS A 22 -0.12 11.64 -13.31
C CYS A 22 -0.60 10.57 -14.29
N ALA A 23 0.16 9.49 -14.44
CA ALA A 23 -0.22 8.48 -15.42
C ALA A 23 -1.53 7.77 -15.06
N PHE A 24 -1.91 7.77 -13.80
CA PHE A 24 -3.10 7.01 -13.36
C PHE A 24 -4.38 7.79 -13.58
N ALA A 25 -4.29 9.08 -13.68
CA ALA A 25 -5.45 9.95 -13.58
C ALA A 25 -6.32 9.96 -14.84
N PRO A 26 -5.76 9.95 -16.06
CA PRO A 26 -6.62 9.91 -17.26
C PRO A 26 -7.60 8.76 -17.24
N ASN A 27 -8.81 9.03 -17.72
CA ASN A 27 -9.82 7.98 -17.89
C ASN A 27 -10.18 7.39 -16.54
N TRP A 28 -10.38 8.26 -15.57
CA TRP A 28 -10.67 7.82 -14.21
C TRP A 28 -12.01 7.12 -14.12
N GLU A 29 -12.83 7.23 -15.16
CA GLU A 29 -14.14 6.51 -15.17
C GLU A 29 -13.89 5.01 -14.97
N ARG A 30 -12.78 4.50 -15.48
CA ARG A 30 -12.51 3.08 -15.35
C ARG A 30 -12.38 2.66 -13.90
N VAL A 31 -12.07 3.60 -13.02
CA VAL A 31 -12.01 3.36 -11.57
C VAL A 31 -13.36 3.60 -10.92
N ASP A 32 -13.95 4.78 -11.14
CA ASP A 32 -15.27 5.08 -10.58
C ASP A 32 -16.27 3.97 -10.86
N ASN A 33 -16.23 3.41 -12.07
CA ASN A 33 -17.17 2.37 -12.51
C ASN A 33 -16.60 0.97 -12.45
N PHE A 34 -15.55 0.72 -11.64
CA PHE A 34 -14.96 -0.60 -11.62
C PHE A 34 -16.00 -1.60 -11.14
N GLN A 35 -16.04 -2.75 -11.81
CA GLN A 35 -16.98 -3.83 -11.51
C GLN A 35 -16.32 -4.82 -10.57
N SER A 36 -16.68 -4.73 -9.29
CA SER A 36 -16.16 -5.63 -8.27
C SER A 36 -17.03 -6.89 -8.18
N ARG A 37 -16.54 -7.89 -7.46
CA ARG A 37 -17.26 -9.12 -7.09
C ARG A 37 -17.34 -9.26 -5.57
N PRO A 38 -18.43 -9.81 -5.02
CA PRO A 38 -18.49 -9.99 -3.55
C PRO A 38 -17.30 -10.75 -2.97
N GLU A 39 -16.68 -11.65 -3.74
CA GLU A 39 -15.52 -12.43 -3.29
C GLU A 39 -14.19 -11.67 -3.36
N ASP A 40 -14.16 -10.50 -3.97
CA ASP A 40 -12.92 -9.73 -4.06
C ASP A 40 -12.37 -9.44 -2.66
N ILE A 41 -11.04 -9.55 -2.50
CA ILE A 41 -10.36 -9.12 -1.29
C ILE A 41 -9.53 -7.89 -1.64
N VAL A 42 -9.79 -6.78 -0.99
CA VAL A 42 -9.10 -5.52 -1.26
C VAL A 42 -8.03 -5.37 -0.19
N VAL A 43 -6.79 -5.11 -0.63
CA VAL A 43 -5.70 -4.74 0.28
C VAL A 43 -5.51 -3.26 0.09
N ALA A 44 -5.97 -2.45 1.04
CA ALA A 44 -6.03 -0.99 0.91
C ALA A 44 -5.06 -0.34 1.90
N THR A 45 -4.28 0.63 1.44
CA THR A 45 -3.27 1.25 2.31
C THR A 45 -3.01 2.68 1.83
N PHE A 46 -2.69 3.57 2.76
CA PHE A 46 -1.93 4.74 2.33
C PHE A 46 -0.58 4.25 1.81
N PRO A 47 0.01 4.86 0.77
CA PRO A 47 1.24 4.29 0.22
C PRO A 47 2.30 4.07 1.29
N LYS A 48 3.08 3.02 1.11
CA LYS A 48 4.29 2.67 1.86
C LYS A 48 3.97 2.13 3.25
N SER A 49 2.76 1.60 3.45
CA SER A 49 2.33 1.21 4.80
C SER A 49 2.27 -0.30 4.99
N GLY A 50 2.69 -1.07 4.00
CA GLY A 50 2.76 -2.52 4.13
C GLY A 50 1.92 -3.25 3.11
N THR A 51 1.58 -2.57 2.00
CA THR A 51 0.73 -3.20 0.97
C THR A 51 1.32 -4.49 0.44
N THR A 52 2.58 -4.46 0.02
CA THR A 52 3.20 -5.63 -0.57
C THR A 52 3.32 -6.75 0.44
N TRP A 53 3.67 -6.41 1.68
CA TRP A 53 3.79 -7.38 2.75
C TRP A 53 2.49 -8.13 2.93
N VAL A 54 1.39 -7.39 3.09
CA VAL A 54 0.09 -8.04 3.30
C VAL A 54 -0.39 -8.75 2.05
N SER A 55 -0.16 -8.17 0.86
CA SER A 55 -0.54 -8.86 -0.37
C SER A 55 0.11 -10.24 -0.50
N GLU A 56 1.40 -10.34 -0.18
CA GLU A 56 2.06 -11.64 -0.23
C GLU A 56 1.50 -12.62 0.82
N ILE A 57 1.23 -12.14 2.02
CA ILE A 57 0.60 -12.98 3.04
C ILE A 57 -0.73 -13.53 2.53
N VAL A 58 -1.59 -12.66 1.98
CA VAL A 58 -2.90 -13.07 1.49
C VAL A 58 -2.76 -14.10 0.38
N ASP A 59 -1.85 -13.85 -0.56
CA ASP A 59 -1.71 -14.78 -1.68
C ASP A 59 -1.20 -16.14 -1.20
N MET A 60 -0.26 -16.13 -0.27
CA MET A 60 0.22 -17.39 0.30
C MET A 60 -0.88 -18.13 1.05
N ILE A 61 -1.71 -17.40 1.81
CA ILE A 61 -2.86 -18.06 2.47
C ILE A 61 -3.78 -18.69 1.43
N LEU A 62 -4.07 -17.96 0.35
CA LEU A 62 -4.98 -18.49 -0.67
C LEU A 62 -4.36 -19.64 -1.43
N GLN A 63 -3.04 -19.71 -1.50
CA GLN A 63 -2.32 -20.82 -2.11
C GLN A 63 -2.03 -21.93 -1.11
N GLY A 64 -2.69 -21.93 0.04
CA GLY A 64 -2.50 -23.00 1.02
C GLY A 64 -1.17 -23.00 1.74
N GLY A 65 -0.42 -21.92 1.69
CA GLY A 65 0.89 -21.90 2.34
C GLY A 65 2.01 -22.41 1.47
N ASP A 66 1.76 -22.62 0.18
CA ASP A 66 2.76 -23.11 -0.75
C ASP A 66 3.54 -21.93 -1.34
N PRO A 67 4.82 -21.76 -1.01
CA PRO A 67 5.59 -20.65 -1.61
C PRO A 67 5.84 -20.80 -3.09
N GLU A 68 5.87 -22.03 -3.63
CA GLU A 68 6.12 -22.17 -5.06
C GLU A 68 5.01 -21.53 -5.89
N LYS A 69 3.77 -21.60 -5.43
CA LYS A 69 2.68 -21.01 -6.21
C LYS A 69 2.79 -19.49 -6.26
N CYS A 70 3.40 -18.88 -5.23
CA CYS A 70 3.56 -17.43 -5.20
C CYS A 70 4.76 -16.96 -6.01
N LYS A 71 5.67 -17.87 -6.36
CA LYS A 71 6.79 -17.61 -7.25
C LYS A 71 6.37 -17.70 -8.72
N ARG A 72 5.09 -17.99 -8.98
CA ARG A 72 4.62 -18.18 -10.34
C ARG A 72 4.73 -16.90 -11.16
N ASP A 73 4.47 -15.75 -10.52
CA ASP A 73 4.55 -14.48 -11.20
C ASP A 73 4.93 -13.43 -10.17
N ALA A 74 5.32 -12.26 -10.64
CA ALA A 74 5.66 -11.17 -9.73
C ALA A 74 4.40 -10.66 -9.02
N ILE A 75 4.59 -10.09 -7.82
CA ILE A 75 3.44 -9.64 -7.05
C ILE A 75 2.67 -8.52 -7.78
N VAL A 76 3.34 -7.73 -8.63
CA VAL A 76 2.59 -6.71 -9.39
C VAL A 76 1.53 -7.34 -10.25
N ASN A 77 1.78 -8.55 -10.75
CA ASN A 77 0.77 -9.20 -11.56
C ASN A 77 -0.15 -10.09 -10.73
N ARG A 78 0.35 -10.69 -9.65
CA ARG A 78 -0.49 -11.57 -8.85
C ARG A 78 -1.57 -10.78 -8.11
N VAL A 79 -1.21 -9.57 -7.65
CA VAL A 79 -2.17 -8.68 -6.94
C VAL A 79 -2.17 -7.33 -7.68
N PRO A 80 -2.96 -7.17 -8.76
CA PRO A 80 -2.93 -5.94 -9.53
C PRO A 80 -3.41 -4.72 -8.77
N MET A 81 -2.75 -3.58 -8.97
CA MET A 81 -3.25 -2.33 -8.34
C MET A 81 -4.48 -1.88 -9.14
N LEU A 82 -5.56 -1.53 -8.45
CA LEU A 82 -6.82 -1.16 -9.13
C LEU A 82 -6.62 0.07 -10.00
N GLU A 83 -5.93 1.09 -9.49
CA GLU A 83 -5.85 2.35 -10.22
C GLU A 83 -4.61 2.45 -11.12
N PHE A 84 -3.79 1.41 -11.20
CA PHE A 84 -2.57 1.50 -12.00
C PHE A 84 -2.87 1.74 -13.47
N ALA A 85 -2.06 2.59 -14.11
CA ALA A 85 -2.13 2.74 -15.55
C ALA A 85 -0.76 3.22 -16.02
N ALA A 86 -0.39 2.84 -17.24
CA ALA A 86 0.83 3.35 -17.87
C ALA A 86 0.48 3.53 -19.33
N PRO A 87 -0.23 4.61 -19.66
CA PRO A 87 -0.86 4.71 -20.98
C PRO A 87 0.14 4.55 -22.10
N GLY A 88 -0.16 3.60 -23.00
CA GLY A 88 0.66 3.32 -24.15
C GLY A 88 1.73 2.30 -23.93
N GLU A 89 1.94 1.86 -22.70
CA GLU A 89 2.96 0.86 -22.46
C GLU A 89 2.41 -0.44 -21.87
N MET A 90 1.31 -0.39 -21.12
CA MET A 90 0.83 -1.56 -20.37
C MET A 90 -0.68 -1.44 -20.26
N PRO A 91 -1.38 -2.57 -20.09
CA PRO A 91 -2.82 -2.51 -19.76
C PRO A 91 -3.02 -1.92 -18.38
N THR A 92 -4.16 -1.27 -18.20
CA THR A 92 -4.48 -0.76 -16.87
C THR A 92 -4.68 -1.89 -15.87
N GLY A 93 -4.48 -1.57 -14.59
CA GLY A 93 -4.79 -2.54 -13.56
C GLY A 93 -6.24 -2.99 -13.62
N SER A 94 -7.16 -2.05 -13.88
CA SER A 94 -8.58 -2.40 -13.95
C SER A 94 -8.84 -3.36 -15.09
N GLU A 95 -8.18 -3.16 -16.24
CA GLU A 95 -8.28 -4.13 -17.34
C GLU A 95 -7.72 -5.49 -16.94
N VAL A 96 -6.54 -5.53 -16.31
CA VAL A 96 -5.96 -6.82 -15.97
C VAL A 96 -6.88 -7.57 -15.01
N LEU A 97 -7.48 -6.84 -14.07
CA LEU A 97 -8.33 -7.46 -13.04
C LEU A 97 -9.58 -8.10 -13.65
N ALA A 98 -10.12 -7.51 -14.72
CA ALA A 98 -11.33 -8.03 -15.33
C ALA A 98 -11.20 -9.50 -15.71
N THR A 99 -9.98 -9.92 -16.05
CA THR A 99 -9.77 -11.29 -16.57
C THR A 99 -9.17 -12.18 -15.50
N MET A 100 -9.38 -11.86 -14.23
CA MET A 100 -8.70 -12.64 -13.17
C MET A 100 -9.75 -13.46 -12.39
N PRO A 101 -9.51 -14.76 -12.17
CA PRO A 101 -10.47 -15.60 -11.47
C PRO A 101 -10.68 -15.26 -10.01
N SER A 102 -11.92 -15.41 -9.53
CA SER A 102 -12.21 -15.20 -8.09
C SER A 102 -11.52 -16.30 -7.26
N PRO A 103 -11.02 -16.03 -6.04
CA PRO A 103 -11.09 -14.71 -5.45
C PRO A 103 -9.96 -13.79 -5.89
N ARG A 104 -10.32 -12.62 -6.42
CA ARG A 104 -9.29 -11.66 -6.82
C ARG A 104 -8.73 -10.98 -5.59
N VAL A 105 -7.44 -10.69 -5.59
CA VAL A 105 -6.86 -9.82 -4.57
C VAL A 105 -6.54 -8.49 -5.26
N VAL A 106 -7.14 -7.42 -4.77
CA VAL A 106 -7.10 -6.12 -5.42
C VAL A 106 -6.30 -5.18 -4.54
N LYS A 107 -5.19 -4.61 -5.05
CA LYS A 107 -4.44 -3.62 -4.27
C LYS A 107 -4.92 -2.23 -4.60
N SER A 108 -5.01 -1.34 -3.60
CA SER A 108 -5.31 0.06 -3.89
C SER A 108 -4.82 1.00 -2.79
N HIS A 109 -4.51 2.25 -3.16
CA HIS A 109 -4.21 3.27 -2.17
C HIS A 109 -5.29 4.33 -2.08
N LEU A 110 -6.43 4.12 -2.72
CA LEU A 110 -7.44 5.15 -2.72
C LEU A 110 -7.99 5.34 -1.31
N PRO A 111 -8.16 6.60 -0.86
CA PRO A 111 -8.91 6.84 0.37
C PRO A 111 -10.31 6.25 0.30
N ALA A 112 -10.86 5.96 1.47
CA ALA A 112 -12.13 5.24 1.51
C ALA A 112 -13.21 5.98 0.71
N HIS A 113 -13.25 7.31 0.81
CA HIS A 113 -14.38 7.99 0.18
C HIS A 113 -14.30 8.02 -1.35
N ILE A 114 -13.19 7.63 -1.97
CA ILE A 114 -13.17 7.47 -3.42
C ILE A 114 -12.79 6.07 -3.85
N LEU A 115 -12.79 5.10 -2.92
CA LEU A 115 -12.74 3.73 -3.34
C LEU A 115 -14.02 3.42 -4.12
N PRO A 116 -13.95 2.72 -5.24
CA PRO A 116 -15.14 2.58 -6.10
C PRO A 116 -16.35 2.04 -5.34
N LYS A 117 -17.51 2.69 -5.56
CA LYS A 117 -18.76 2.36 -4.85
C LYS A 117 -19.11 0.88 -4.91
N SER A 118 -18.68 0.19 -5.98
CA SER A 118 -19.07 -1.20 -6.15
C SER A 118 -18.51 -2.07 -5.02
N PHE A 119 -17.30 -1.75 -4.54
CA PHE A 119 -16.72 -2.53 -3.44
C PHE A 119 -17.58 -2.42 -2.20
N TRP A 120 -18.07 -1.21 -1.89
CA TRP A 120 -18.94 -0.98 -0.72
C TRP A 120 -20.27 -1.69 -0.91
N ASP A 121 -20.87 -1.58 -2.11
CA ASP A 121 -22.16 -2.23 -2.37
C ASP A 121 -22.05 -3.74 -2.31
N ASN A 122 -20.95 -4.31 -2.77
CA ASN A 122 -20.79 -5.76 -2.74
C ASN A 122 -20.25 -6.28 -1.42
N GLY A 123 -20.08 -5.43 -0.41
CA GLY A 123 -19.57 -5.91 0.86
C GLY A 123 -18.18 -6.52 0.83
N CYS A 124 -17.30 -6.11 -0.10
CA CYS A 124 -16.03 -6.82 -0.29
C CYS A 124 -15.14 -6.71 0.95
N LYS A 125 -14.54 -7.83 1.33
CA LYS A 125 -13.63 -7.81 2.47
C LYS A 125 -12.44 -6.89 2.15
N ILE A 126 -12.15 -5.96 3.06
CA ILE A 126 -11.02 -5.03 2.92
C ILE A 126 -10.05 -5.35 4.03
N ILE A 127 -8.79 -5.62 3.68
CA ILE A 127 -7.71 -5.65 4.67
C ILE A 127 -7.00 -4.31 4.55
N TYR A 128 -7.05 -3.50 5.59
CA TYR A 128 -6.43 -2.17 5.58
C TYR A 128 -5.15 -2.31 6.38
N VAL A 129 -4.07 -1.65 5.96
CA VAL A 129 -2.86 -1.60 6.78
C VAL A 129 -2.50 -0.16 7.01
N GLY A 130 -2.36 0.22 8.28
CA GLY A 130 -1.80 1.53 8.63
C GLY A 130 -0.39 1.40 9.19
N ARG A 131 0.40 2.49 9.11
CA ARG A 131 1.79 2.51 9.57
C ARG A 131 2.02 3.92 10.11
N ASN A 132 2.86 4.05 11.13
CA ASN A 132 3.01 5.37 11.72
C ASN A 132 3.51 6.37 10.67
N ALA A 133 3.01 7.59 10.79
CA ALA A 133 3.13 8.55 9.69
C ALA A 133 4.57 8.97 9.48
N LYS A 134 5.39 8.96 10.53
CA LYS A 134 6.78 9.39 10.30
C LYS A 134 7.53 8.36 9.47
N ASP A 135 7.39 7.07 9.77
CA ASP A 135 8.03 6.09 8.92
C ASP A 135 7.44 6.10 7.53
N VAL A 136 6.13 6.38 7.41
CA VAL A 136 5.53 6.41 6.07
C VAL A 136 6.15 7.52 5.25
N ALA A 137 6.31 8.71 5.87
CA ALA A 137 6.89 9.84 5.14
C ALA A 137 8.29 9.52 4.64
N VAL A 138 9.14 8.94 5.50
CA VAL A 138 10.48 8.56 5.05
C VAL A 138 10.41 7.57 3.90
N SER A 139 9.56 6.53 4.04
CA SER A 139 9.49 5.51 2.98
C SER A 139 8.99 6.11 1.66
N PHE A 140 8.02 7.02 1.75
CA PHE A 140 7.44 7.59 0.54
C PHE A 140 8.39 8.57 -0.14
N TYR A 141 9.15 9.33 0.65
CA TYR A 141 10.18 10.19 0.06
C TYR A 141 11.16 9.40 -0.78
N HIS A 142 11.74 8.34 -0.20
CA HIS A 142 12.71 7.54 -0.93
C HIS A 142 12.06 6.83 -2.11
N PHE A 143 10.82 6.37 -1.94
CA PHE A 143 10.08 5.81 -3.08
C PHE A 143 9.96 6.82 -4.21
N ASP A 144 9.67 8.10 -3.89
CA ASP A 144 9.50 9.07 -4.98
C ASP A 144 10.84 9.37 -5.63
N LEU A 145 11.95 9.23 -4.89
CA LEU A 145 13.25 9.39 -5.55
C LEU A 145 13.49 8.32 -6.62
N MET A 146 13.00 7.10 -6.42
CA MET A 146 13.32 6.02 -7.34
C MET A 146 12.22 5.74 -8.36
N ASN A 147 10.96 6.08 -8.04
CA ASN A 147 9.82 5.70 -8.88
C ASN A 147 9.49 6.83 -9.84
N LYS A 148 9.72 6.60 -11.14
CA LYS A 148 9.55 7.70 -12.10
C LYS A 148 8.10 8.01 -12.45
N PHE A 149 7.13 7.22 -11.97
CA PHE A 149 5.76 7.72 -12.05
C PHE A 149 5.52 8.96 -11.20
N GLU A 150 6.33 9.18 -10.15
CA GLU A 150 6.07 10.21 -9.15
C GLU A 150 6.67 11.53 -9.61
N GLN A 151 6.06 12.62 -9.21
CA GLN A 151 6.75 13.90 -9.32
C GLN A 151 8.04 13.85 -8.50
N HIS A 152 9.11 14.49 -8.99
CA HIS A 152 10.33 14.44 -8.20
C HIS A 152 10.12 15.15 -6.87
N PRO A 153 10.60 14.59 -5.76
CA PRO A 153 10.26 15.16 -4.46
C PRO A 153 11.11 16.35 -4.01
N GLY A 154 12.19 16.67 -4.70
CA GLY A 154 13.03 17.76 -4.19
C GLY A 154 13.72 17.31 -2.90
N THR A 155 13.99 18.28 -2.03
CA THR A 155 14.70 17.95 -0.80
C THR A 155 13.74 17.32 0.21
N TRP A 156 14.32 16.55 1.14
CA TRP A 156 13.50 15.94 2.20
C TRP A 156 12.69 16.98 2.98
N ASP A 157 13.29 18.13 3.38
CA ASP A 157 12.52 19.06 4.19
C ASP A 157 11.29 19.59 3.45
N GLN A 158 11.43 19.86 2.15
CA GLN A 158 10.29 20.33 1.36
C GLN A 158 9.27 19.23 1.13
N TYR A 159 9.74 18.01 0.92
CA TYR A 159 8.82 16.88 0.77
C TYR A 159 8.02 16.69 2.04
N LEU A 160 8.67 16.76 3.21
CA LEU A 160 7.94 16.57 4.46
C LEU A 160 6.85 17.61 4.61
N GLU A 161 7.12 18.87 4.21
CA GLU A 161 6.05 19.86 4.32
C GLU A 161 4.87 19.47 3.45
N ALA A 162 5.16 19.00 2.24
CA ALA A 162 4.08 18.55 1.34
C ALA A 162 3.34 17.38 1.95
N PHE A 163 4.07 16.43 2.50
CA PHE A 163 3.42 15.27 3.15
C PHE A 163 2.50 15.71 4.29
N MET A 164 3.00 16.53 5.21
CA MET A 164 2.15 16.98 6.32
C MET A 164 0.88 17.69 5.83
N ALA A 165 1.00 18.44 4.74
CA ALA A 165 -0.14 19.18 4.22
C ALA A 165 -1.04 18.34 3.37
N GLY A 166 -0.72 17.07 3.17
CA GLY A 166 -1.56 16.21 2.33
C GLY A 166 -1.51 16.55 0.85
N LYS A 167 -0.39 17.08 0.36
CA LYS A 167 -0.25 17.40 -1.05
C LYS A 167 0.30 16.27 -1.91
N VAL A 168 0.81 15.21 -1.30
CA VAL A 168 1.45 14.11 -2.00
C VAL A 168 0.39 13.24 -2.64
N ALA A 169 0.82 12.34 -3.52
CA ALA A 169 -0.08 11.43 -4.19
C ALA A 169 -0.89 10.68 -3.15
N TYR A 170 -2.21 10.66 -3.35
CA TYR A 170 -3.22 10.00 -2.54
C TYR A 170 -3.61 10.82 -1.31
N GLY A 171 -3.00 12.00 -1.12
CA GLY A 171 -3.55 13.00 -0.23
C GLY A 171 -3.10 12.88 1.21
N SER A 172 -3.97 13.26 2.14
CA SER A 172 -3.59 13.41 3.54
C SER A 172 -3.55 12.03 4.19
N TRP A 173 -2.40 11.68 4.77
CA TRP A 173 -2.31 10.44 5.52
C TRP A 173 -3.33 10.42 6.65
N PHE A 174 -3.48 11.54 7.37
CA PHE A 174 -4.42 11.59 8.49
C PHE A 174 -5.83 11.22 8.06
N ASP A 175 -6.31 11.84 6.98
CA ASP A 175 -7.64 11.52 6.48
C ASP A 175 -7.72 10.06 6.04
N HIS A 176 -6.65 9.54 5.41
CA HIS A 176 -6.67 8.19 4.88
C HIS A 176 -6.86 7.17 6.02
N VAL A 177 -6.00 7.24 7.04
CA VAL A 177 -6.04 6.20 8.08
C VAL A 177 -7.31 6.33 8.90
N ARG A 178 -7.79 7.56 9.12
CA ARG A 178 -8.98 7.71 9.93
C ARG A 178 -10.23 7.34 9.13
N GLY A 179 -10.22 7.57 7.82
CA GLY A 179 -11.39 7.21 7.00
C GLY A 179 -11.71 5.73 7.05
N TYR A 180 -10.68 4.87 6.90
CA TYR A 180 -10.97 3.43 6.91
C TYR A 180 -11.21 2.92 8.32
N TRP A 181 -10.63 3.56 9.32
CA TRP A 181 -10.93 3.19 10.70
C TRP A 181 -12.41 3.41 11.02
N GLU A 182 -12.96 4.51 10.53
CA GLU A 182 -14.37 4.80 10.76
C GLU A 182 -15.28 3.93 9.90
N ARG A 183 -14.87 3.68 8.67
CA ARG A 183 -15.74 2.96 7.74
C ARG A 183 -15.96 1.50 8.16
N ARG A 184 -15.15 0.96 9.08
CA ARG A 184 -15.43 -0.41 9.49
C ARG A 184 -16.76 -0.52 10.20
N GLN A 185 -17.32 0.59 10.66
CA GLN A 185 -18.65 0.51 11.29
C GLN A 185 -19.74 0.07 10.33
N GLU A 186 -19.52 0.19 9.02
CA GLU A 186 -20.54 -0.10 8.02
C GLU A 186 -20.06 -1.12 7.02
N HIS A 187 -18.93 -1.81 7.29
CA HIS A 187 -18.36 -2.62 6.22
C HIS A 187 -17.36 -3.61 6.82
N PRO A 188 -17.21 -4.79 6.24
CA PRO A 188 -16.21 -5.75 6.75
C PRO A 188 -14.79 -5.31 6.42
N ILE A 189 -14.10 -4.81 7.44
CA ILE A 189 -12.72 -4.34 7.32
C ILE A 189 -11.88 -4.97 8.42
N LEU A 190 -10.75 -5.55 8.06
CA LEU A 190 -9.71 -5.96 9.03
C LEU A 190 -8.64 -4.89 9.01
N TYR A 191 -8.49 -4.17 10.11
CA TYR A 191 -7.60 -3.00 10.13
C TYR A 191 -6.33 -3.39 10.87
N LEU A 192 -5.23 -3.54 10.12
CA LEU A 192 -3.93 -4.01 10.62
C LEU A 192 -2.96 -2.85 10.77
N PHE A 193 -1.94 -3.05 11.61
CA PHE A 193 -0.87 -2.07 11.83
C PHE A 193 0.45 -2.68 11.44
N TYR A 194 1.20 -1.98 10.60
CA TYR A 194 2.52 -2.44 10.19
C TYR A 194 3.40 -2.74 11.41
N GLU A 195 3.31 -1.91 12.44
CA GLU A 195 4.15 -2.09 13.62
C GLU A 195 3.78 -3.38 14.35
N ASP A 196 2.49 -3.75 14.33
CA ASP A 196 2.08 -5.04 14.91
C ASP A 196 2.70 -6.19 14.15
N MET A 197 2.79 -6.05 12.83
CA MET A 197 3.36 -7.10 12.00
C MET A 197 4.88 -7.24 12.22
N LYS A 198 5.58 -6.14 12.44
CA LYS A 198 6.99 -6.26 12.84
C LYS A 198 7.10 -6.92 14.20
N GLU A 199 6.19 -6.62 15.12
CA GLU A 199 6.32 -7.09 16.49
C GLU A 199 6.05 -8.58 16.59
N ASP A 200 5.05 -9.09 15.87
CA ASP A 200 4.67 -10.50 15.94
C ASP A 200 3.97 -10.88 14.64
N LEU A 201 4.77 -11.28 13.64
CA LEU A 201 4.23 -11.54 12.33
C LEU A 201 3.24 -12.70 12.33
N ARG A 202 3.57 -13.78 13.04
CA ARG A 202 2.63 -14.92 13.05
C ARG A 202 1.28 -14.51 13.60
N ARG A 203 1.29 -13.64 14.62
CA ARG A 203 0.02 -13.21 15.21
C ARG A 203 -0.83 -12.49 14.18
N GLU A 204 -0.22 -11.73 13.29
CA GLU A 204 -0.99 -10.98 12.31
C GLU A 204 -1.41 -11.87 11.14
N ILE A 205 -0.55 -12.81 10.72
CA ILE A 205 -0.95 -13.75 9.69
C ILE A 205 -2.15 -14.54 10.15
N THR A 206 -2.16 -14.94 11.43
CA THR A 206 -3.30 -15.71 11.94
C THR A 206 -4.61 -14.92 11.82
N LYS A 207 -4.56 -13.62 12.13
CA LYS A 207 -5.74 -12.75 12.01
C LYS A 207 -6.19 -12.62 10.57
N VAL A 208 -5.25 -12.47 9.65
CA VAL A 208 -5.62 -12.43 8.23
C VAL A 208 -6.28 -13.73 7.81
N ALA A 209 -5.69 -14.86 8.19
CA ALA A 209 -6.27 -16.16 7.82
C ALA A 209 -7.68 -16.30 8.35
N GLN A 210 -7.92 -15.90 9.59
CA GLN A 210 -9.29 -16.01 10.13
C GLN A 210 -10.28 -15.12 9.38
N PHE A 211 -9.88 -13.87 9.11
CA PHE A 211 -10.75 -12.98 8.34
C PHE A 211 -11.14 -13.58 6.99
N LEU A 212 -10.21 -14.29 6.34
CA LEU A 212 -10.44 -14.94 5.06
C LEU A 212 -11.12 -16.30 5.24
N GLY A 213 -11.38 -16.70 6.47
CA GLY A 213 -12.03 -18.01 6.66
C GLY A 213 -11.16 -19.22 6.41
N GLN A 214 -9.84 -19.06 6.47
CA GLN A 214 -8.90 -20.10 6.08
C GLN A 214 -8.23 -20.62 7.32
N GLU A 215 -8.18 -21.93 7.45
CA GLU A 215 -7.57 -22.55 8.60
C GLU A 215 -6.15 -22.95 8.21
N LEU A 216 -5.19 -22.58 9.05
CA LEU A 216 -3.79 -22.79 8.75
C LEU A 216 -3.25 -23.85 9.70
N THR A 217 -2.61 -24.87 9.14
CA THR A 217 -1.82 -25.73 10.02
C THR A 217 -0.66 -24.93 10.59
N GLU A 218 -0.12 -25.43 11.71
CA GLU A 218 1.07 -24.80 12.28
C GLU A 218 2.23 -24.80 11.28
N VAL A 219 2.30 -25.81 10.41
CA VAL A 219 3.37 -25.87 9.44
C VAL A 219 3.16 -24.81 8.36
N ALA A 220 1.92 -24.63 7.90
CA ALA A 220 1.67 -23.59 6.91
C ALA A 220 1.88 -22.19 7.51
N LEU A 221 1.49 -21.99 8.77
CA LEU A 221 1.72 -20.70 9.42
C LEU A 221 3.21 -20.38 9.50
N ASP A 222 4.02 -21.36 9.91
CA ASP A 222 5.46 -21.10 9.96
C ASP A 222 6.04 -20.89 8.56
N ALA A 223 5.55 -21.63 7.57
CA ALA A 223 6.03 -21.40 6.21
C ALA A 223 5.70 -19.99 5.74
N ILE A 224 4.49 -19.50 6.03
CA ILE A 224 4.14 -18.14 5.62
C ILE A 224 5.00 -17.12 6.36
N ALA A 225 5.20 -17.30 7.66
CA ALA A 225 6.01 -16.36 8.41
C ALA A 225 7.44 -16.36 7.90
N HIS A 226 7.97 -17.53 7.55
CA HIS A 226 9.35 -17.56 7.10
C HIS A 226 9.49 -16.90 5.73
N HIS A 227 8.48 -17.02 4.88
CA HIS A 227 8.60 -16.43 3.55
C HIS A 227 8.17 -14.97 3.47
N THR A 228 7.60 -14.42 4.54
CA THR A 228 7.22 -13.00 4.51
C THR A 228 8.03 -12.15 5.48
N SER A 229 9.18 -12.64 5.93
CA SER A 229 10.16 -11.77 6.56
C SER A 229 10.66 -10.72 5.58
N PHE A 230 11.15 -9.60 6.13
CA PHE A 230 11.67 -8.57 5.26
C PHE A 230 12.81 -9.12 4.41
N GLU A 231 13.69 -9.90 5.04
CA GLU A 231 14.84 -10.43 4.31
C GLU A 231 14.38 -11.32 3.17
N ALA A 232 13.40 -12.17 3.44
CA ALA A 232 12.88 -13.06 2.40
C ALA A 232 12.28 -12.27 1.24
N MET A 233 11.46 -11.27 1.53
CA MET A 233 10.81 -10.54 0.44
C MET A 233 11.77 -9.58 -0.26
N ARG A 234 12.78 -9.08 0.46
CA ARG A 234 13.83 -8.28 -0.19
C ARG A 234 14.59 -9.10 -1.21
N ASP A 235 14.88 -10.36 -0.89
CA ASP A 235 15.70 -11.21 -1.76
C ASP A 235 14.87 -11.98 -2.77
N ASN A 236 13.55 -11.98 -2.66
CA ASN A 236 12.68 -12.74 -3.54
C ASN A 236 12.33 -11.89 -4.75
N PRO A 237 12.69 -12.31 -5.96
CA PRO A 237 12.42 -11.49 -7.16
C PRO A 237 10.94 -11.29 -7.41
N SER A 238 10.10 -12.18 -6.91
CA SER A 238 8.66 -12.06 -7.13
C SER A 238 8.05 -10.94 -6.31
N THR A 239 8.71 -10.52 -5.23
CA THR A 239 8.17 -9.51 -4.33
C THR A 239 9.00 -8.24 -4.25
N ASN A 240 10.26 -8.25 -4.66
CA ASN A 240 11.12 -7.10 -4.38
C ASN A 240 11.07 -6.05 -5.48
N TYR A 241 10.22 -6.25 -6.50
CA TYR A 241 9.99 -5.31 -7.58
C TYR A 241 11.20 -5.15 -8.51
N SER A 242 12.21 -6.01 -8.39
CA SER A 242 13.37 -5.89 -9.27
C SER A 242 13.00 -6.19 -10.72
N THR A 243 11.82 -6.79 -10.96
CA THR A 243 11.42 -7.08 -12.34
C THR A 243 10.82 -5.88 -13.04
N VAL A 244 10.55 -4.79 -12.33
CA VAL A 244 9.99 -3.59 -12.96
C VAL A 244 11.05 -2.94 -13.84
N PRO A 245 10.72 -2.52 -15.07
CA PRO A 245 11.74 -1.90 -15.93
C PRO A 245 12.44 -0.73 -15.26
N SER A 246 13.76 -0.65 -15.42
CA SER A 246 14.55 0.41 -14.72
C SER A 246 14.05 1.80 -15.15
N HIS A 247 13.45 1.90 -16.33
CA HIS A 247 12.91 3.19 -16.82
C HIS A 247 11.79 3.66 -15.88
N LEU A 248 11.00 2.73 -15.35
CA LEU A 248 9.93 3.09 -14.37
C LEU A 248 10.48 3.18 -12.94
N MET A 249 11.29 2.23 -12.49
CA MET A 249 11.80 2.24 -11.10
C MET A 249 13.32 2.11 -11.10
N ASP A 250 14.03 3.17 -10.69
CA ASP A 250 15.49 3.11 -10.58
C ASP A 250 15.88 2.49 -9.24
N HIS A 251 16.08 1.18 -9.25
CA HIS A 251 16.41 0.44 -8.05
C HIS A 251 17.73 0.88 -7.41
N GLY A 252 18.65 1.45 -8.18
CA GLY A 252 19.89 1.92 -7.59
C GLY A 252 19.75 3.20 -6.78
N VAL A 253 18.72 4.00 -7.06
CA VAL A 253 18.46 5.20 -6.27
C VAL A 253 18.03 4.80 -4.86
N SER A 254 17.11 3.87 -4.78
CA SER A 254 16.60 3.37 -3.50
C SER A 254 15.85 2.07 -3.80
N PRO A 255 16.14 0.94 -3.14
CA PRO A 255 15.41 -0.30 -3.42
C PRO A 255 13.98 -0.20 -2.92
N PHE A 256 13.07 -0.93 -3.59
CA PHE A 256 11.69 -0.98 -3.10
C PHE A 256 11.67 -1.53 -1.67
N MET A 257 12.36 -2.64 -1.45
CA MET A 257 12.46 -3.24 -0.13
C MET A 257 13.65 -2.56 0.51
N ARG A 258 13.41 -1.42 1.14
CA ARG A 258 14.49 -0.47 1.42
C ARG A 258 15.17 -0.78 2.75
N LYS A 259 14.43 -0.78 3.86
CA LYS A 259 14.98 -1.06 5.18
C LYS A 259 14.06 -1.98 5.96
N GLY A 260 12.75 -1.75 5.86
CA GLY A 260 11.81 -2.69 6.47
C GLY A 260 11.78 -2.69 7.99
N ILE A 261 11.99 -1.55 8.64
CA ILE A 261 11.97 -1.47 10.09
C ILE A 261 10.90 -0.47 10.52
N THR A 262 10.62 -0.48 11.81
CA THR A 262 9.90 0.60 12.48
C THR A 262 10.94 1.43 13.20
N GLY A 263 10.88 2.74 13.02
CA GLY A 263 11.83 3.61 13.67
C GLY A 263 12.87 4.24 12.74
N ASP A 264 12.85 3.96 11.43
CA ASP A 264 13.82 4.63 10.55
C ASP A 264 13.60 6.15 10.52
N TRP A 265 12.43 6.61 10.94
CA TRP A 265 12.21 8.04 10.99
C TRP A 265 13.26 8.72 11.87
N LYS A 266 13.82 8.02 12.85
CA LYS A 266 14.81 8.68 13.70
C LYS A 266 16.09 9.00 12.93
N ASN A 267 16.31 8.31 11.82
CA ASN A 267 17.53 8.54 11.00
C ASN A 267 17.30 9.67 9.99
N HIS A 268 16.05 10.04 9.72
CA HIS A 268 15.80 11.08 8.69
C HIS A 268 15.18 12.37 9.26
N PHE A 269 14.47 12.29 10.38
CA PHE A 269 13.79 13.50 10.88
C PHE A 269 14.78 14.30 11.70
N THR A 270 14.95 15.58 11.38
CA THR A 270 15.79 16.39 12.25
C THR A 270 15.09 16.63 13.57
N VAL A 271 15.87 17.13 14.54
CA VAL A 271 15.30 17.43 15.84
C VAL A 271 14.13 18.41 15.68
N ALA A 272 14.31 19.41 14.85
CA ALA A 272 13.27 20.44 14.63
C ALA A 272 12.07 19.85 13.88
N GLN A 273 12.33 19.08 12.83
CA GLN A 273 11.23 18.49 12.07
C GLN A 273 10.41 17.59 12.97
N ASN A 274 11.09 16.81 13.79
CA ASN A 274 10.38 15.85 14.65
C ASN A 274 9.47 16.57 15.65
N ALA A 275 10.00 17.60 16.33
CA ALA A 275 9.19 18.36 17.26
C ALA A 275 7.98 18.97 16.58
N HIS A 276 8.18 19.54 15.40
CA HIS A 276 7.08 20.17 14.68
C HIS A 276 6.07 19.14 14.21
N PHE A 277 6.57 18.01 13.67
CA PHE A 277 5.63 16.97 13.24
C PHE A 277 4.80 16.45 14.40
N ASP A 278 5.44 16.19 15.53
CA ASP A 278 4.69 15.62 16.66
C ASP A 278 3.60 16.58 17.13
N GLN A 279 3.90 17.87 17.14
CA GLN A 279 2.90 18.85 17.55
C GLN A 279 1.72 18.89 16.58
N TYR A 280 2.01 18.87 15.27
CA TYR A 280 0.95 18.85 14.26
C TYR A 280 0.14 17.56 14.34
N TYR A 281 0.83 16.42 14.42
CA TYR A 281 0.15 15.13 14.49
C TYR A 281 -0.86 15.11 15.64
N ALA A 282 -0.45 15.59 16.82
CA ALA A 282 -1.34 15.57 17.97
C ALA A 282 -2.58 16.41 17.70
N GLN A 283 -2.42 17.53 16.99
CA GLN A 283 -3.57 18.35 16.59
C GLN A 283 -4.47 17.58 15.64
N LYS A 284 -3.89 16.98 14.59
CA LYS A 284 -4.69 16.31 13.58
C LYS A 284 -5.33 15.01 14.06
N MET A 285 -4.75 14.34 15.05
CA MET A 285 -5.27 13.07 15.56
C MET A 285 -6.11 13.22 16.80
N ALA A 286 -6.36 14.45 17.22
CA ALA A 286 -7.22 14.65 18.37
C ALA A 286 -8.65 14.25 18.01
N GLY A 287 -9.32 13.58 18.92
CA GLY A 287 -10.69 13.22 18.62
C GLY A 287 -10.90 11.91 17.91
N THR A 288 -9.83 11.14 17.63
CA THR A 288 -9.96 9.73 17.25
C THR A 288 -9.31 8.85 18.30
N ASP A 289 -9.87 7.65 18.50
CA ASP A 289 -9.20 6.65 19.33
C ASP A 289 -8.14 5.86 18.57
N LEU A 290 -8.04 6.05 17.26
CA LEU A 290 -7.03 5.37 16.47
C LEU A 290 -5.65 5.84 16.92
N ARG A 291 -4.71 4.90 17.04
CA ARG A 291 -3.38 5.16 17.61
C ARG A 291 -2.34 4.39 16.84
N PHE A 292 -1.17 5.02 16.60
CA PHE A 292 -0.04 4.37 15.96
C PHE A 292 1.19 4.45 16.87
N ARG A 293 2.04 3.45 16.75
CA ARG A 293 3.29 3.38 17.50
C ARG A 293 4.43 3.77 16.60
N THR A 294 5.35 4.62 17.11
CA THR A 294 6.54 4.99 16.33
C THR A 294 7.76 4.19 16.73
N GLU A 295 7.64 3.33 17.74
CA GLU A 295 8.71 2.42 18.10
C GLU A 295 8.06 1.21 18.77
N ILE A 296 8.71 0.07 18.67
CA ILE A 296 8.16 -1.14 19.31
C ILE A 296 9.23 -1.78 20.19
#